data_5MT2
#
_entry.id   5MT2
#
_cell.length_a   42.020
_cell.length_b   78.565
_cell.length_c   48.793
_cell.angle_alpha   90.00
_cell.angle_beta   108.36
_cell.angle_gamma   90.00
#
_symmetry.space_group_name_H-M   'P 1 21 1'
#
loop_
_entity.id
_entity.type
_entity.pdbx_description
1 polymer Beta-galactosidase
2 non-polymer GLYCEROL
3 water water
#
_entity_poly.entity_id   1
_entity_poly.type   'polypeptide(L)'
_entity_poly.pdbx_seq_one_letter_code
;(MSE)IDKSI(MSE)KKLLLTFLSIAAVCSLYAQRKVTQER(MSE)EQIYEEVKTPYKYGLAVAPTDNYHKIDCPTVFRQ
GDKWL(MSE)TYVVYNGKTGTDGRGYETWIAESDNLLDWRTLGRVLSYRDGKWDCNQRGGFPALPD(MSE)EWGGSYELQ
TYKGRHW(MSE)TYIGGEGTGYEAVKAPLFVGLASTKGDISTAHEWESLDKPILSIHDKDAQWWEKLTQYKSTVYWDKDK
TLGAPFV(MSE)FYNAGGRHPETDLKGERVGIALSKD(MSE)KTWKRYPGNPVFAHEADGTITGDAHIQK(MSE)GDVYV
(MSE)FYFSAFEPSRKYKAFNTFAASYDLVNWTDWHGADLIIPSKNYDELFAHKSYVIKHDGVVYHFYCAVNNAEQRGIA
IATSKP(MSE)GRSAVRFPKPETKN
;
_entity_poly.pdbx_strand_id   A
#
loop_
_chem_comp.id
_chem_comp.type
_chem_comp.name
_chem_comp.formula
GOL non-polymer GLYCEROL 'C3 H8 O3'
#
# COMPACT_ATOMS: atom_id res chain seq x y z
N LYS A 28 7.84 -24.45 -0.74
CA LYS A 28 7.83 -23.47 -1.86
C LYS A 28 6.68 -23.75 -2.81
N VAL A 29 6.19 -22.68 -3.41
CA VAL A 29 5.15 -22.77 -4.42
C VAL A 29 5.86 -23.23 -5.68
N THR A 30 5.29 -24.19 -6.39
CA THR A 30 5.94 -24.72 -7.59
C THR A 30 5.94 -23.66 -8.69
N GLN A 31 6.94 -23.76 -9.56
CA GLN A 31 7.04 -22.87 -10.72
C GLN A 31 5.77 -22.92 -11.57
N GLU A 32 5.20 -24.12 -11.75
CA GLU A 32 3.93 -24.27 -12.46
C GLU A 32 2.81 -23.48 -11.80
N ARG A 33 2.68 -23.59 -10.48
CA ARG A 33 1.63 -22.86 -9.76
C ARG A 33 1.86 -21.37 -9.88
N MSE A 34 3.11 -20.95 -9.79
CA MSE A 34 3.44 -19.54 -9.95
C MSE A 34 3.02 -19.01 -11.31
O MSE A 34 2.47 -17.90 -11.43
CB MSE A 34 4.92 -19.24 -9.74
CG MSE A 34 5.44 -19.58 -8.36
SE MSE A 34 4.67 -18.36 -7.07
CE MSE A 34 5.71 -16.76 -7.50
N GLU A 35 3.26 -19.80 -12.35
CA GLU A 35 2.88 -19.40 -13.71
C GLU A 35 1.36 -19.29 -13.83
N GLN A 36 0.64 -20.17 -13.16
CA GLN A 36 -0.81 -20.11 -13.16
C GLN A 36 -1.28 -18.85 -12.47
N ILE A 37 -0.63 -18.50 -11.36
CA ILE A 37 -0.97 -17.27 -10.63
C ILE A 37 -0.71 -16.08 -11.52
N TYR A 38 0.45 -16.05 -12.19
CA TYR A 38 0.76 -14.95 -13.09
C TYR A 38 -0.32 -14.76 -14.14
N GLU A 39 -0.73 -15.83 -14.78
CA GLU A 39 -1.78 -15.73 -15.78
C GLU A 39 -3.12 -15.23 -15.20
N GLU A 40 -3.41 -15.62 -13.98
CA GLU A 40 -4.61 -15.19 -13.27
C GLU A 40 -4.59 -13.70 -12.93
N VAL A 41 -3.43 -13.17 -12.57
CA VAL A 41 -3.39 -11.81 -12.04
C VAL A 41 -2.86 -10.75 -13.00
N LYS A 42 -2.33 -11.15 -14.15
CA LYS A 42 -1.64 -10.18 -15.02
C LYS A 42 -2.63 -9.19 -15.62
N THR A 43 -2.10 -8.00 -15.92
CA THR A 43 -2.87 -6.91 -16.46
C THR A 43 -2.03 -6.20 -17.49
N PRO A 44 -2.05 -6.69 -18.73
CA PRO A 44 -1.19 -6.06 -19.76
C PRO A 44 -1.63 -4.66 -20.23
N TYR A 45 -2.90 -4.34 -20.06
CA TYR A 45 -3.51 -3.23 -20.77
C TYR A 45 -3.74 -2.05 -19.86
N LYS A 46 -3.03 -0.95 -20.12
CA LYS A 46 -3.10 0.21 -19.25
C LYS A 46 -4.23 1.12 -19.64
N TYR A 47 -5.18 1.23 -18.75
CA TYR A 47 -6.31 2.12 -18.92
C TYR A 47 -5.89 3.56 -18.89
N GLY A 48 -5.00 3.87 -17.96
CA GLY A 48 -4.52 5.21 -17.78
C GLY A 48 -4.79 5.69 -16.39
N LEU A 49 -4.63 7.00 -16.20
CA LEU A 49 -4.81 7.62 -14.90
C LEU A 49 -6.25 7.54 -14.44
N ALA A 50 -6.41 7.26 -13.15
CA ALA A 50 -7.68 7.19 -12.45
C ALA A 50 -7.87 8.39 -11.57
N VAL A 51 -6.81 8.75 -10.84
CA VAL A 51 -6.89 9.84 -9.87
C VAL A 51 -5.60 10.60 -10.02
N ALA A 52 -5.72 11.82 -10.56
CA ALA A 52 -4.53 12.61 -10.87
C ALA A 52 -4.62 13.98 -10.22
N PRO A 53 -3.46 14.53 -9.82
CA PRO A 53 -3.43 15.89 -9.35
C PRO A 53 -3.73 16.87 -10.50
N THR A 54 -4.29 18.01 -10.13
CA THR A 54 -4.66 19.03 -11.11
C THR A 54 -3.66 20.17 -11.17
N ASP A 55 -2.62 20.10 -10.35
CA ASP A 55 -1.49 21.00 -10.45
C ASP A 55 -0.24 20.23 -10.07
N ASN A 56 0.91 20.88 -10.08
CA ASN A 56 2.18 20.20 -9.80
C ASN A 56 2.59 20.21 -8.34
N TYR A 57 1.74 20.77 -7.48
CA TYR A 57 2.01 20.90 -6.06
C TYR A 57 1.17 19.94 -5.22
N HIS A 58 0.67 18.90 -5.89
CA HIS A 58 0.04 17.76 -5.24
C HIS A 58 0.51 16.50 -5.94
N LYS A 59 0.70 15.46 -5.15
CA LYS A 59 1.13 14.13 -5.59
C LYS A 59 0.18 13.14 -4.96
N ILE A 60 -0.31 12.20 -5.75
CA ILE A 60 -1.33 11.26 -5.35
C ILE A 60 -0.80 9.82 -5.43
N ASP A 61 -1.02 9.04 -4.37
CA ASP A 61 -0.35 7.73 -4.24
C ASP A 61 -1.19 6.85 -3.33
N CYS A 62 -0.78 5.59 -3.25
CA CYS A 62 -1.24 4.64 -2.22
C CYS A 62 -2.72 4.31 -2.30
N PRO A 63 -3.16 3.77 -3.43
CA PRO A 63 -4.57 3.34 -3.53
C PRO A 63 -4.88 2.15 -2.63
N THR A 64 -6.04 2.21 -1.99
CA THR A 64 -6.65 1.05 -1.38
C THR A 64 -8.08 0.98 -1.91
N VAL A 65 -8.43 -0.10 -2.59
CA VAL A 65 -9.74 -0.20 -3.23
C VAL A 65 -10.57 -1.24 -2.52
N PHE A 66 -11.81 -0.86 -2.23
CA PHE A 66 -12.76 -1.73 -1.56
C PHE A 66 -14.13 -1.34 -2.02
N ARG A 67 -15.18 -1.89 -1.45
CA ARG A 67 -16.51 -1.48 -1.86
C ARG A 67 -17.46 -1.64 -0.70
N GLN A 68 -18.55 -0.91 -0.78
CA GLN A 68 -19.64 -1.06 0.16
C GLN A 68 -20.88 -0.71 -0.61
N GLY A 69 -21.87 -1.58 -0.54
CA GLY A 69 -23.10 -1.37 -1.27
C GLY A 69 -22.85 -1.13 -2.73
N ASP A 70 -23.47 -0.08 -3.27
CA ASP A 70 -23.37 0.20 -4.71
C ASP A 70 -22.16 1.04 -5.16
N LYS A 71 -21.19 1.26 -4.28
CA LYS A 71 -19.99 2.00 -4.67
C LYS A 71 -18.71 1.25 -4.42
N TRP A 72 -17.83 1.31 -5.40
CA TRP A 72 -16.41 1.02 -5.19
C TRP A 72 -15.81 2.27 -4.59
N LEU A 73 -14.82 2.07 -3.75
CA LEU A 73 -14.16 3.13 -2.99
C LEU A 73 -12.67 2.99 -3.10
N MSE A 74 -12.00 4.13 -3.13
CA MSE A 74 -10.56 4.16 -3.11
C MSE A 74 -10.11 5.20 -2.16
O MSE A 74 -10.39 6.39 -2.35
CB MSE A 74 -9.96 4.48 -4.48
CG MSE A 74 -8.44 4.40 -4.49
SE MSE A 74 -7.76 5.35 -6.00
CE MSE A 74 -8.57 4.31 -7.39
N THR A 75 -9.39 4.81 -1.13
CA THR A 75 -8.61 5.77 -0.35
C THR A 75 -7.27 5.98 -1.05
N TYR A 76 -6.70 7.15 -0.85
CA TYR A 76 -5.43 7.49 -1.40
C TYR A 76 -4.81 8.60 -0.59
N VAL A 77 -3.49 8.75 -0.71
CA VAL A 77 -2.77 9.82 -0.02
C VAL A 77 -2.45 10.94 -0.99
N VAL A 78 -2.44 12.15 -0.46
CA VAL A 78 -2.05 13.34 -1.18
C VAL A 78 -0.93 14.01 -0.38
N TYR A 79 0.18 14.26 -1.07
CA TYR A 79 1.25 15.09 -0.57
C TYR A 79 1.15 16.42 -1.27
N ASN A 80 1.12 17.52 -0.52
CA ASN A 80 0.82 18.84 -1.12
C ASN A 80 2.06 19.69 -1.41
N GLY A 81 3.03 19.09 -2.08
CA GLY A 81 4.20 19.82 -2.59
C GLY A 81 4.61 19.26 -3.93
N LYS A 82 5.45 20.03 -4.60
CA LYS A 82 6.12 19.61 -5.83
C LYS A 82 7.43 18.88 -5.61
N THR A 83 8.17 19.26 -4.56
CA THR A 83 9.50 18.72 -4.33
C THR A 83 9.50 17.86 -3.08
N GLY A 84 10.66 17.33 -2.73
CA GLY A 84 10.79 16.55 -1.51
C GLY A 84 10.57 17.31 -0.22
N THR A 85 10.65 18.65 -0.27
CA THR A 85 10.73 19.46 0.94
C THR A 85 9.69 20.57 1.08
N ASP A 86 8.92 20.89 0.03
CA ASP A 86 8.02 22.04 0.08
C ASP A 86 6.65 21.80 0.71
N GLY A 87 6.14 20.58 0.59
CA GLY A 87 4.80 20.26 1.09
C GLY A 87 4.75 20.01 2.59
N ARG A 88 3.54 20.09 3.15
CA ARG A 88 3.33 19.81 4.55
C ARG A 88 3.48 18.33 4.85
N GLY A 89 2.80 17.49 4.06
CA GLY A 89 2.85 16.06 4.26
C GLY A 89 1.58 15.41 3.73
N TYR A 90 1.36 14.17 4.14
CA TYR A 90 0.19 13.44 3.68
C TYR A 90 -1.11 13.79 4.39
N GLU A 91 -2.17 13.86 3.60
CA GLU A 91 -3.53 13.63 4.04
C GLU A 91 -4.09 12.48 3.24
N THR A 92 -5.13 11.87 3.77
CA THR A 92 -5.83 10.76 3.13
C THR A 92 -7.19 11.21 2.64
N TRP A 93 -7.49 10.84 1.40
CA TRP A 93 -8.72 11.18 0.73
C TRP A 93 -9.44 9.91 0.33
N ILE A 94 -10.69 10.06 -0.07
CA ILE A 94 -11.47 8.94 -0.59
C ILE A 94 -12.18 9.39 -1.86
N ALA A 95 -12.27 8.45 -2.80
CA ALA A 95 -13.01 8.58 -4.05
C ALA A 95 -13.97 7.41 -4.21
N GLU A 96 -14.99 7.61 -5.04
CA GLU A 96 -15.95 6.55 -5.35
C GLU A 96 -15.99 6.28 -6.82
N SER A 97 -16.51 5.10 -7.16
CA SER A 97 -16.68 4.67 -8.54
C SER A 97 -17.82 3.67 -8.66
N ASP A 98 -18.53 3.70 -9.77
CA ASP A 98 -19.52 2.70 -10.08
C ASP A 98 -18.95 1.51 -10.86
N ASN A 99 -17.78 1.70 -11.46
CA ASN A 99 -17.24 0.75 -12.41
C ASN A 99 -15.77 0.39 -12.31
N LEU A 100 -15.12 0.84 -11.23
CA LEU A 100 -13.69 0.62 -10.99
C LEU A 100 -12.71 1.43 -11.84
N LEU A 101 -13.20 2.09 -12.88
CA LEU A 101 -12.35 2.79 -13.81
C LEU A 101 -12.44 4.29 -13.69
N ASP A 102 -13.64 4.80 -13.50
CA ASP A 102 -13.93 6.24 -13.47
CA ASP A 102 -13.82 6.23 -13.44
C ASP A 102 -14.20 6.62 -12.03
N TRP A 103 -13.41 7.55 -11.48
CA TRP A 103 -13.41 7.85 -10.05
C TRP A 103 -13.75 9.31 -9.79
N ARG A 104 -14.51 9.55 -8.72
CA ARG A 104 -14.93 10.88 -8.28
C ARG A 104 -14.44 11.05 -6.84
N THR A 105 -13.56 12.01 -6.62
CA THR A 105 -13.10 12.30 -5.28
C THR A 105 -14.21 12.90 -4.42
N LEU A 106 -14.34 12.39 -3.19
CA LEU A 106 -15.36 12.81 -2.23
C LEU A 106 -14.88 13.77 -1.17
N GLY A 107 -13.64 13.63 -0.74
CA GLY A 107 -13.05 14.50 0.27
C GLY A 107 -12.11 13.73 1.17
N ARG A 108 -11.68 14.37 2.24
CA ARG A 108 -10.68 13.82 3.14
C ARG A 108 -11.29 12.89 4.18
N VAL A 109 -10.53 11.84 4.49
CA VAL A 109 -10.81 10.95 5.63
C VAL A 109 -9.79 11.04 6.77
N LEU A 110 -8.57 11.47 6.47
CA LEU A 110 -7.56 11.75 7.50
C LEU A 110 -6.90 13.06 7.13
N SER A 111 -7.12 14.06 7.97
CA SER A 111 -6.73 15.42 7.66
C SER A 111 -5.58 15.80 8.57
N TYR A 112 -4.89 16.88 8.24
CA TYR A 112 -3.83 17.36 9.13
C TYR A 112 -4.47 17.64 10.48
N ARG A 113 -3.77 17.22 11.52
CA ARG A 113 -4.32 17.17 12.86
C ARG A 113 -3.47 17.99 13.84
N ASP A 114 -3.78 19.27 13.91
CA ASP A 114 -2.98 20.21 14.68
C ASP A 114 -3.05 19.85 16.16
N GLY A 115 -1.87 19.86 16.79
CA GLY A 115 -1.78 19.58 18.22
C GLY A 115 -1.49 18.13 18.56
N LYS A 116 -1.49 17.25 17.56
CA LYS A 116 -1.32 15.83 17.80
C LYS A 116 -0.02 15.33 17.19
N TRP A 117 0.35 14.11 17.56
CA TRP A 117 1.61 13.50 17.22
C TRP A 117 1.80 13.35 15.71
N ASP A 118 0.68 13.26 15.00
CA ASP A 118 0.65 12.99 13.57
C ASP A 118 0.18 14.24 12.80
N CYS A 119 0.50 15.41 13.32
CA CYS A 119 -0.11 16.64 12.81
C CYS A 119 0.14 16.88 11.32
N ASN A 120 1.31 16.48 10.83
CA ASN A 120 1.74 16.79 9.47
C ASN A 120 1.72 15.63 8.47
N GLN A 121 1.60 14.40 8.97
CA GLN A 121 1.59 13.21 8.10
C GLN A 121 0.49 12.29 8.53
N ARG A 122 -0.48 12.09 7.66
CA ARG A 122 -1.67 11.28 7.94
C ARG A 122 -2.01 10.50 6.66
N GLY A 123 -1.28 9.42 6.42
CA GLY A 123 -1.36 8.69 5.14
C GLY A 123 -1.86 7.28 5.39
N GLY A 124 -3.14 7.07 5.10
CA GLY A 124 -3.82 5.89 5.59
C GLY A 124 -4.10 4.76 4.61
N PHE A 125 -4.21 3.57 5.19
CA PHE A 125 -4.43 2.29 4.51
C PHE A 125 -5.52 1.53 5.25
N PRO A 126 -6.74 1.50 4.70
CA PRO A 126 -7.80 0.75 5.35
C PRO A 126 -7.40 -0.67 5.73
N ALA A 127 -7.92 -1.13 6.86
CA ALA A 127 -7.57 -2.41 7.42
C ALA A 127 -8.72 -3.39 7.30
N LEU A 128 -8.36 -4.65 7.53
CA LEU A 128 -9.28 -5.77 7.57
C LEU A 128 -10.04 -5.98 6.25
N PRO A 129 -9.32 -5.90 5.13
CA PRO A 129 -10.00 -6.19 3.88
C PRO A 129 -10.42 -7.62 3.80
N ASP A 130 -11.55 -7.90 3.16
CA ASP A 130 -11.82 -9.27 2.79
CA ASP A 130 -11.85 -9.25 2.71
C ASP A 130 -10.71 -9.65 1.80
N MSE A 131 -10.03 -10.76 2.09
CA MSE A 131 -8.82 -11.17 1.37
C MSE A 131 -9.07 -12.09 0.20
O MSE A 131 -8.15 -12.43 -0.51
CB MSE A 131 -7.88 -11.93 2.34
CG MSE A 131 -7.34 -10.97 3.38
SE MSE A 131 -6.23 -11.96 4.59
CE MSE A 131 -4.60 -11.87 3.54
N GLU A 132 -10.34 -12.50 -0.01
CA GLU A 132 -10.65 -13.48 -1.06
C GLU A 132 -10.43 -12.87 -2.44
N TRP A 133 -9.52 -13.46 -3.21
CA TRP A 133 -9.30 -13.08 -4.59
C TRP A 133 -10.62 -13.24 -5.35
N GLY A 134 -11.05 -12.18 -6.03
CA GLY A 134 -12.33 -12.20 -6.73
C GLY A 134 -13.57 -12.24 -5.88
N GLY A 135 -13.42 -11.88 -4.60
CA GLY A 135 -14.50 -11.92 -3.64
C GLY A 135 -15.26 -10.61 -3.54
N SER A 136 -15.79 -10.36 -2.34
CA SER A 136 -16.63 -9.20 -2.11
C SER A 136 -15.91 -7.89 -2.09
N TYR A 137 -14.60 -7.92 -1.84
CA TYR A 137 -13.84 -6.70 -1.68
C TYR A 137 -14.36 -5.72 -0.62
N GLU A 138 -15.03 -6.24 0.39
CA GLU A 138 -15.50 -5.41 1.49
C GLU A 138 -14.41 -5.24 2.55
N LEU A 139 -14.55 -4.23 3.37
CA LEU A 139 -13.76 -4.09 4.58
C LEU A 139 -14.59 -4.68 5.70
N GLN A 140 -13.91 -5.41 6.57
CA GLN A 140 -14.56 -6.06 7.70
C GLN A 140 -14.66 -5.15 8.90
N THR A 141 -15.74 -5.34 9.68
CA THR A 141 -15.89 -4.61 10.94
C THR A 141 -15.44 -5.49 12.09
N TYR A 142 -14.78 -4.87 13.05
CA TYR A 142 -14.37 -5.50 14.29
C TYR A 142 -14.79 -4.57 15.43
N LYS A 143 -15.49 -5.13 16.41
CA LYS A 143 -16.03 -4.36 17.55
C LYS A 143 -16.86 -3.18 17.05
N GLY A 144 -17.63 -3.42 15.99
CA GLY A 144 -18.54 -2.43 15.43
C GLY A 144 -17.92 -1.28 14.66
N ARG A 145 -16.61 -1.37 14.43
CA ARG A 145 -15.88 -0.31 13.76
CA ARG A 145 -15.87 -0.31 13.76
C ARG A 145 -15.16 -0.85 12.53
N HIS A 146 -14.95 0.02 11.55
CA HIS A 146 -13.92 -0.20 10.54
C HIS A 146 -12.63 0.45 11.00
N TRP A 147 -11.53 -0.07 10.48
CA TRP A 147 -10.21 0.25 10.98
C TRP A 147 -9.28 0.62 9.83
N MSE A 148 -8.21 1.32 10.16
CA MSE A 148 -7.26 1.81 9.16
CA MSE A 148 -7.26 1.80 9.16
C MSE A 148 -5.97 2.06 9.87
O MSE A 148 -5.96 2.59 10.96
CB MSE A 148 -7.80 3.12 8.56
CB MSE A 148 -7.82 3.11 8.61
CG MSE A 148 -6.75 3.89 7.77
CG MSE A 148 -6.97 3.78 7.53
SE MSE A 148 -7.52 4.90 6.27
SE MSE A 148 -7.49 5.68 7.44
CE MSE A 148 -8.79 6.02 7.24
CE MSE A 148 -9.14 5.32 6.44
N THR A 149 -4.86 1.66 9.28
CA THR A 149 -3.56 2.09 9.82
C THR A 149 -3.01 3.19 8.93
N TYR A 150 -1.98 3.88 9.39
CA TYR A 150 -1.49 4.98 8.60
C TYR A 150 -0.04 5.26 8.93
N ILE A 151 0.60 5.97 8.00
CA ILE A 151 1.92 6.56 8.22
C ILE A 151 1.66 7.91 8.87
N GLY A 152 2.25 8.12 10.05
CA GLY A 152 1.99 9.32 10.83
C GLY A 152 3.25 9.92 11.38
N GLY A 153 3.18 11.23 11.64
CA GLY A 153 4.25 11.94 12.33
C GLY A 153 4.18 13.43 12.11
N GLU A 154 5.20 14.10 12.66
CA GLU A 154 5.32 15.54 12.76
C GLU A 154 6.23 16.19 11.72
N GLY A 155 7.12 15.43 11.09
CA GLY A 155 8.05 16.01 10.12
C GLY A 155 7.28 16.41 8.89
N THR A 156 7.57 17.58 8.36
CA THR A 156 6.98 18.02 7.11
C THR A 156 7.80 17.54 5.90
N GLY A 157 7.32 17.83 4.70
CA GLY A 157 7.97 17.39 3.50
C GLY A 157 7.54 15.99 3.11
N TYR A 158 8.06 15.52 1.98
CA TYR A 158 7.67 14.23 1.43
C TYR A 158 8.18 13.11 2.33
N GLU A 159 7.24 12.43 2.98
CA GLU A 159 7.53 11.36 3.96
C GLU A 159 8.57 11.83 4.95
N ALA A 160 8.42 13.09 5.37
CA ALA A 160 9.27 13.69 6.39
C ALA A 160 10.74 13.78 6.01
N VAL A 161 11.02 13.81 4.71
CA VAL A 161 12.39 13.97 4.22
C VAL A 161 13.35 13.03 4.96
N LYS A 162 12.98 11.75 4.98
CA LYS A 162 13.81 10.62 5.48
C LYS A 162 13.84 10.53 6.99
N ALA A 163 13.16 11.43 7.70
CA ALA A 163 13.08 11.31 9.17
C ALA A 163 12.08 10.23 9.49
N PRO A 164 12.13 9.68 10.71
CA PRO A 164 11.22 8.60 11.06
C PRO A 164 9.76 9.00 11.08
N LEU A 165 8.92 8.13 10.50
CA LEU A 165 7.49 8.15 10.66
C LEU A 165 7.07 6.84 11.29
N PHE A 166 5.85 6.83 11.84
CA PHE A 166 5.38 5.78 12.75
C PHE A 166 4.04 5.27 12.25
N VAL A 167 3.69 4.08 12.72
CA VAL A 167 2.42 3.44 12.35
C VAL A 167 1.34 3.88 13.31
N GLY A 168 0.32 4.54 12.77
CA GLY A 168 -0.86 4.93 13.53
C GLY A 168 -2.04 4.02 13.27
N LEU A 169 -3.04 4.14 14.17
CA LEU A 169 -4.28 3.42 14.05
C LEU A 169 -5.45 4.39 14.05
N ALA A 170 -6.36 4.22 13.09
CA ALA A 170 -7.59 4.96 13.02
C ALA A 170 -8.77 4.01 12.91
N SER A 171 -9.94 4.49 13.27
CA SER A 171 -11.15 3.71 13.18
C SER A 171 -12.34 4.61 13.04
N THR A 172 -13.49 4.02 12.69
CA THR A 172 -14.68 4.79 12.54
C THR A 172 -15.89 3.92 12.70
N LYS A 173 -16.94 4.52 13.27
CA LYS A 173 -18.28 3.92 13.23
C LYS A 173 -19.10 4.49 12.08
N GLY A 174 -18.52 5.43 11.32
CA GLY A 174 -19.19 6.11 10.24
C GLY A 174 -19.33 5.28 9.00
N ASP A 175 -19.99 5.85 8.01
CA ASP A 175 -20.18 5.21 6.73
C ASP A 175 -18.87 5.36 5.95
N ILE A 176 -18.16 4.25 5.76
CA ILE A 176 -16.85 4.29 5.11
C ILE A 176 -16.93 4.68 3.63
N SER A 177 -18.13 4.71 3.05
CA SER A 177 -18.31 5.18 1.69
C SER A 177 -18.46 6.70 1.61
N THR A 178 -18.29 7.41 2.73
CA THR A 178 -18.38 8.85 2.76
C THR A 178 -17.10 9.49 3.25
N ALA A 179 -16.89 10.73 2.82
CA ALA A 179 -15.72 11.49 3.26
C ALA A 179 -15.98 12.12 4.62
N HIS A 180 -15.57 11.44 5.65
CA HIS A 180 -15.67 11.94 7.01
C HIS A 180 -14.37 11.64 7.70
N GLU A 181 -14.08 12.38 8.75
CA GLU A 181 -12.84 12.19 9.45
C GLU A 181 -12.91 10.93 10.31
N TRP A 182 -11.99 10.01 10.10
CA TRP A 182 -11.92 8.83 10.97
C TRP A 182 -11.29 9.28 12.28
N GLU A 183 -11.50 8.47 13.32
CA GLU A 183 -10.92 8.74 14.64
C GLU A 183 -9.57 8.12 14.75
N SER A 184 -8.64 8.73 15.49
CA SER A 184 -7.33 8.12 15.60
CA SER A 184 -7.25 8.29 15.56
C SER A 184 -6.75 8.29 16.98
N LEU A 185 -5.80 7.40 17.28
CA LEU A 185 -5.22 7.37 18.61
C LEU A 185 -4.21 8.48 18.70
N ASP A 186 -3.97 8.93 19.93
CA ASP A 186 -3.09 10.05 20.18
C ASP A 186 -1.64 9.64 20.43
N LYS A 187 -1.31 8.39 20.11
CA LYS A 187 0.07 7.95 19.99
C LYS A 187 0.10 6.89 18.90
N PRO A 188 1.29 6.59 18.36
CA PRO A 188 1.36 5.48 17.37
C PRO A 188 1.10 4.12 18.00
N ILE A 189 0.77 3.15 17.15
CA ILE A 189 0.70 1.76 17.61
C ILE A 189 2.01 1.01 17.40
N LEU A 190 2.84 1.45 16.47
CA LEU A 190 4.19 0.89 16.32
C LEU A 190 5.15 2.02 16.05
N SER A 191 6.37 1.85 16.50
CA SER A 191 7.39 2.87 16.34
C SER A 191 8.76 2.24 16.27
N ILE A 192 9.68 2.92 15.59
CA ILE A 192 11.08 2.57 15.63
C ILE A 192 11.66 2.62 17.05
N HIS A 193 11.01 3.37 17.94
CA HIS A 193 11.48 3.54 19.32
C HIS A 193 10.96 2.48 20.27
N ASP A 194 10.10 1.57 19.79
CA ASP A 194 9.57 0.52 20.64
C ASP A 194 10.71 -0.36 21.17
N LYS A 195 10.60 -0.75 22.44
CA LYS A 195 11.51 -1.74 23.06
C LYS A 195 11.84 -2.91 22.14
N ASP A 196 10.80 -3.45 21.49
CA ASP A 196 10.95 -4.66 20.68
C ASP A 196 11.09 -4.38 19.16
N ALA A 197 11.43 -3.14 18.80
CA ALA A 197 11.70 -2.83 17.40
C ALA A 197 12.94 -3.58 16.91
N GLN A 198 12.87 -4.10 15.69
CA GLN A 198 13.91 -4.96 15.14
C GLN A 198 14.80 -4.23 14.15
N TRP A 199 15.89 -4.86 13.73
CA TRP A 199 16.94 -4.17 12.95
C TRP A 199 16.39 -3.62 11.64
N TRP A 200 15.46 -4.36 11.05
CA TRP A 200 14.96 -4.08 9.70
C TRP A 200 14.01 -2.89 9.65
N GLU A 201 13.58 -2.40 10.82
CA GLU A 201 12.67 -1.28 10.95
C GLU A 201 13.18 -0.16 11.82
N LYS A 202 14.49 -0.08 12.04
CA LYS A 202 15.03 0.92 12.97
C LYS A 202 15.06 2.35 12.43
N LEU A 203 15.11 2.54 11.11
CA LEU A 203 15.22 3.87 10.52
C LEU A 203 13.88 4.58 10.39
N THR A 204 12.88 3.87 9.86
CA THR A 204 11.53 4.43 9.70
C THR A 204 10.60 3.31 9.31
N GLN A 205 9.30 3.56 9.51
CA GLN A 205 8.26 2.65 9.06
C GLN A 205 7.46 3.36 7.98
N TYR A 206 6.98 2.58 7.02
CA TYR A 206 6.23 3.07 5.89
C TYR A 206 4.83 2.41 5.90
N LYS A 207 4.38 1.86 4.79
CA LYS A 207 3.02 1.32 4.70
C LYS A 207 2.84 0.13 5.60
N SER A 208 1.64 0.07 6.17
CA SER A 208 1.18 -1.10 6.89
C SER A 208 -0.18 -1.49 6.35
N THR A 209 -0.53 -2.75 6.49
CA THR A 209 -1.90 -3.20 6.32
C THR A 209 -2.16 -4.29 7.32
N VAL A 210 -3.30 -4.20 8.02
CA VAL A 210 -3.70 -5.22 8.97
C VAL A 210 -4.78 -6.10 8.36
N TYR A 211 -4.56 -7.40 8.45
CA TYR A 211 -5.49 -8.40 8.00
C TYR A 211 -6.11 -9.10 9.19
N TRP A 212 -7.40 -9.41 9.05
CA TRP A 212 -8.06 -10.24 10.02
C TRP A 212 -8.00 -11.69 9.57
N ASP A 213 -7.05 -12.41 10.14
CA ASP A 213 -6.87 -13.84 9.86
C ASP A 213 -7.60 -14.64 10.92
N LYS A 214 -8.87 -14.97 10.66
CA LYS A 214 -9.68 -15.65 11.67
C LYS A 214 -9.17 -17.07 11.92
N ASP A 215 -8.40 -17.61 10.97
CA ASP A 215 -7.73 -18.89 11.21
C ASP A 215 -6.52 -18.81 12.12
N LYS A 216 -6.04 -17.61 12.42
CA LYS A 216 -4.90 -17.41 13.29
C LYS A 216 -3.72 -18.28 12.85
N THR A 217 -3.40 -18.21 11.57
CA THR A 217 -2.28 -18.92 10.95
C THR A 217 -0.96 -18.71 11.69
N LEU A 218 -0.76 -17.50 12.18
CA LEU A 218 0.46 -17.13 12.90
C LEU A 218 0.21 -16.95 14.40
N GLY A 219 -0.93 -17.47 14.88
CA GLY A 219 -1.25 -17.51 16.30
C GLY A 219 -1.94 -16.29 16.85
N ALA A 220 -2.31 -15.38 15.95
CA ALA A 220 -3.02 -14.17 16.32
C ALA A 220 -4.00 -13.82 15.23
N PRO A 221 -5.13 -13.20 15.61
CA PRO A 221 -6.16 -12.85 14.59
C PRO A 221 -5.79 -11.65 13.73
N PHE A 222 -4.96 -10.74 14.24
CA PHE A 222 -4.63 -9.54 13.47
C PHE A 222 -3.19 -9.59 13.05
N VAL A 223 -2.99 -9.59 11.74
CA VAL A 223 -1.67 -9.74 11.14
C VAL A 223 -1.36 -8.50 10.33
N MSE A 224 -0.34 -7.78 10.74
CA MSE A 224 0.08 -6.58 10.01
C MSE A 224 1.29 -6.92 9.15
O MSE A 224 2.27 -7.39 9.67
CB MSE A 224 0.53 -5.52 11.00
CG MSE A 224 0.89 -4.24 10.24
SE MSE A 224 1.75 -3.03 11.52
CE MSE A 224 0.16 -2.62 12.58
N PHE A 225 1.20 -6.65 7.86
CA PHE A 225 2.37 -6.64 6.98
C PHE A 225 2.75 -5.20 6.79
N TYR A 226 4.02 -4.90 6.98
CA TYR A 226 4.46 -3.54 6.82
C TYR A 226 5.87 -3.50 6.29
N ASN A 227 6.20 -2.42 5.62
CA ASN A 227 7.58 -2.24 5.19
C ASN A 227 8.23 -1.13 5.98
N ALA A 228 9.55 -1.22 6.07
CA ALA A 228 10.31 -0.35 6.95
C ALA A 228 11.75 -0.32 6.47
N GLY A 229 12.48 0.71 6.91
CA GLY A 229 13.87 0.87 6.52
C GLY A 229 14.84 0.45 7.61
N GLY A 230 15.93 -0.18 7.19
CA GLY A 230 17.00 -0.53 8.10
C GLY A 230 18.21 -1.02 7.33
N ARG A 231 19.30 -1.22 8.05
CA ARG A 231 20.52 -1.74 7.48
C ARG A 231 20.73 -3.15 7.99
N HIS A 232 21.07 -4.04 7.07
CA HIS A 232 21.30 -5.42 7.46
C HIS A 232 22.44 -5.46 8.51
N PRO A 233 22.24 -6.17 9.63
CA PRO A 233 23.23 -6.11 10.71
C PRO A 233 24.58 -6.73 10.37
N GLU A 234 24.60 -7.69 9.46
CA GLU A 234 25.87 -8.32 9.03
C GLU A 234 26.45 -7.71 7.73
N THR A 235 25.62 -7.54 6.71
CA THR A 235 26.08 -7.09 5.41
C THR A 235 26.10 -5.58 5.25
N ASP A 236 25.41 -4.88 6.17
CA ASP A 236 25.28 -3.44 6.17
C ASP A 236 24.53 -2.85 4.98
N LEU A 237 23.76 -3.67 4.25
CA LEU A 237 23.01 -3.16 3.12
C LEU A 237 21.75 -2.48 3.63
N LYS A 238 21.56 -1.24 3.19
CA LYS A 238 20.38 -0.46 3.49
C LYS A 238 19.29 -0.88 2.55
N GLY A 239 18.07 -0.92 3.07
CA GLY A 239 16.94 -1.18 2.20
C GLY A 239 15.64 -1.08 2.95
N GLU A 240 14.56 -1.30 2.20
CA GLU A 240 13.24 -1.43 2.79
C GLU A 240 12.83 -2.85 2.59
N ARG A 241 12.30 -3.44 3.66
CA ARG A 241 11.98 -4.84 3.71
C ARG A 241 10.59 -4.99 4.31
N VAL A 242 10.01 -6.16 4.13
CA VAL A 242 8.66 -6.46 4.60
C VAL A 242 8.71 -7.38 5.81
N GLY A 243 7.99 -7.00 6.86
CA GLY A 243 7.86 -7.84 8.03
C GLY A 243 6.44 -7.86 8.57
N ILE A 244 6.25 -8.57 9.66
CA ILE A 244 4.97 -8.82 10.23
C ILE A 244 4.91 -8.38 11.70
N ALA A 245 3.77 -7.82 12.09
CA ALA A 245 3.45 -7.65 13.52
C ALA A 245 2.10 -8.30 13.78
N LEU A 246 1.90 -8.72 15.03
CA LEU A 246 0.75 -9.52 15.42
C LEU A 246 0.03 -8.92 16.59
N SER A 247 -1.30 -8.99 16.57
CA SER A 247 -2.12 -8.46 17.65
C SER A 247 -3.35 -9.33 17.90
N LYS A 248 -3.77 -9.35 19.17
CA LYS A 248 -5.05 -9.95 19.54
C LYS A 248 -6.19 -8.96 19.51
N ASP A 249 -5.89 -7.65 19.51
CA ASP A 249 -6.93 -6.63 19.74
C ASP A 249 -6.81 -5.33 18.97
N MSE A 250 -5.88 -5.25 18.02
CA MSE A 250 -5.57 -4.04 17.24
C MSE A 250 -4.76 -2.97 17.95
O MSE A 250 -4.24 -2.06 17.29
CB MSE A 250 -6.82 -3.37 16.62
CG MSE A 250 -7.69 -4.30 15.81
SE MSE A 250 -6.77 -4.63 14.11
CE MSE A 250 -6.83 -2.88 13.30
N LYS A 251 -4.61 -3.06 19.27
CA LYS A 251 -3.97 -2.00 20.08
C LYS A 251 -2.55 -2.32 20.46
N THR A 252 -2.35 -3.54 20.96
CA THR A 252 -1.02 -3.95 21.36
CA THR A 252 -1.07 -4.05 21.43
C THR A 252 -0.47 -4.97 20.37
N TRP A 253 0.77 -4.75 20.00
CA TRP A 253 1.40 -5.44 18.87
C TRP A 253 2.68 -6.07 19.32
N LYS A 254 2.99 -7.24 18.75
CA LYS A 254 4.31 -7.85 18.91
C LYS A 254 4.85 -8.10 17.52
N ARG A 255 6.16 -7.94 17.35
CA ARG A 255 6.81 -8.31 16.09
C ARG A 255 6.89 -9.81 15.93
N TYR A 256 6.72 -10.25 14.70
CA TYR A 256 7.02 -11.63 14.34
C TYR A 256 8.53 -11.85 14.57
N PRO A 257 8.91 -12.89 15.34
N PRO A 257 8.92 -12.92 15.30
CA PRO A 257 10.34 -13.11 15.61
CA PRO A 257 10.33 -13.13 15.59
C PRO A 257 11.20 -13.40 14.38
C PRO A 257 11.19 -13.38 14.37
N GLY A 258 10.61 -13.96 13.32
CA GLY A 258 11.35 -14.25 12.10
C GLY A 258 11.50 -13.14 11.11
N ASN A 259 11.16 -11.91 11.51
CA ASN A 259 11.27 -10.78 10.60
C ASN A 259 12.71 -10.49 10.20
N PRO A 260 12.91 -9.87 9.03
CA PRO A 260 11.90 -9.58 8.01
C PRO A 260 11.53 -10.83 7.22
N VAL A 261 10.29 -10.91 6.74
CA VAL A 261 9.84 -12.11 6.04
C VAL A 261 10.05 -12.04 4.54
N PHE A 262 10.27 -10.83 4.00
CA PHE A 262 10.43 -10.70 2.57
C PHE A 262 11.32 -9.53 2.26
N ALA A 263 12.41 -9.80 1.55
CA ALA A 263 13.42 -8.79 1.29
C ALA A 263 14.16 -9.15 0.00
N HIS A 264 14.75 -8.14 -0.62
CA HIS A 264 15.68 -8.34 -1.72
C HIS A 264 16.96 -7.62 -1.32
N GLU A 265 18.01 -8.37 -1.04
CA GLU A 265 19.21 -7.81 -0.41
C GLU A 265 20.16 -7.26 -1.47
N ALA A 266 20.03 -5.96 -1.69
CA ALA A 266 21.00 -5.19 -2.48
C ALA A 266 20.98 -3.80 -1.93
N ASP A 267 22.10 -3.07 -2.02
CA ASP A 267 22.15 -1.82 -1.33
C ASP A 267 21.17 -0.83 -1.96
N GLY A 268 20.28 -0.33 -1.10
CA GLY A 268 19.31 0.67 -1.47
C GLY A 268 18.02 0.12 -2.04
N THR A 269 17.92 -1.20 -2.17
CA THR A 269 16.75 -1.79 -2.80
C THR A 269 15.58 -1.72 -1.84
N ILE A 270 14.44 -1.36 -2.42
CA ILE A 270 13.19 -1.21 -1.69
CA ILE A 270 13.19 -1.24 -1.67
C ILE A 270 12.28 -2.38 -2.07
N THR A 271 11.74 -3.05 -1.06
CA THR A 271 10.65 -4.02 -1.24
C THR A 271 9.54 -3.53 -0.34
N GLY A 272 8.37 -3.25 -0.90
CA GLY A 272 7.35 -2.62 -0.09
C GLY A 272 5.92 -2.76 -0.52
N ASP A 273 5.09 -2.12 0.27
CA ASP A 273 3.62 -2.03 0.06
C ASP A 273 3.04 -3.39 -0.27
N ALA A 274 3.27 -4.31 0.67
CA ALA A 274 2.71 -5.65 0.55
C ALA A 274 1.20 -5.58 0.57
N HIS A 275 0.59 -6.26 -0.38
CA HIS A 275 -0.85 -6.36 -0.53
C HIS A 275 -1.20 -7.82 -0.77
N ILE A 276 -1.85 -8.45 0.21
CA ILE A 276 -2.05 -9.88 0.20
C ILE A 276 -3.50 -10.23 -0.07
N GLN A 277 -3.69 -11.16 -1.01
CA GLN A 277 -4.98 -11.81 -1.23
C GLN A 277 -4.82 -13.33 -1.16
N LYS A 278 -5.95 -14.00 -0.96
CA LYS A 278 -5.96 -15.46 -0.79
C LYS A 278 -6.63 -16.07 -2.02
N MSE A 279 -5.92 -17.03 -2.61
CA MSE A 279 -6.45 -17.90 -3.62
C MSE A 279 -6.45 -19.25 -2.98
O MSE A 279 -5.51 -20.04 -3.16
CB MSE A 279 -5.51 -17.91 -4.82
CG MSE A 279 -5.71 -16.63 -5.60
SE MSE A 279 -4.51 -16.83 -7.13
CE MSE A 279 -4.66 -15.01 -7.78
N GLY A 280 -7.49 -19.49 -2.19
CA GLY A 280 -7.59 -20.73 -1.40
C GLY A 280 -6.40 -20.82 -0.46
N ASP A 281 -5.63 -21.91 -0.58
CA ASP A 281 -4.48 -22.19 0.31
C ASP A 281 -3.27 -21.31 0.03
N VAL A 282 -3.22 -20.67 -1.13
CA VAL A 282 -2.07 -19.84 -1.51
C VAL A 282 -2.38 -18.39 -1.18
N TYR A 283 -1.47 -17.76 -0.44
CA TYR A 283 -1.47 -16.33 -0.31
C TYR A 283 -0.62 -15.72 -1.42
N VAL A 284 -1.13 -14.66 -2.04
CA VAL A 284 -0.40 -13.94 -3.08
C VAL A 284 -0.10 -12.56 -2.53
N MSE A 285 1.19 -12.21 -2.48
CA MSE A 285 1.64 -10.89 -2.07
C MSE A 285 1.95 -10.12 -3.32
O MSE A 285 2.99 -10.37 -3.97
CB MSE A 285 2.85 -10.96 -1.17
CG MSE A 285 3.19 -9.54 -0.75
SE MSE A 285 5.03 -9.48 -0.17
CE MSE A 285 4.81 -10.51 1.45
N PHE A 286 1.12 -9.13 -3.62
CA PHE A 286 1.44 -8.12 -4.61
C PHE A 286 2.36 -7.14 -3.90
N TYR A 287 3.50 -6.79 -4.50
CA TYR A 287 4.43 -5.86 -3.84
C TYR A 287 5.12 -5.04 -4.92
N PHE A 288 5.76 -3.95 -4.49
CA PHE A 288 6.58 -3.17 -5.38
C PHE A 288 8.00 -3.25 -4.96
N SER A 289 8.88 -3.03 -5.92
CA SER A 289 10.27 -2.85 -5.60
C SER A 289 10.80 -1.66 -6.34
N ALA A 290 11.84 -1.06 -5.77
CA ALA A 290 12.55 0.02 -6.43
C ALA A 290 14.02 -0.14 -6.23
N PHE A 291 14.76 0.27 -7.23
CA PHE A 291 16.20 0.26 -7.20
C PHE A 291 16.74 -1.15 -6.97
N GLU A 292 16.12 -2.08 -7.69
CA GLU A 292 16.49 -3.48 -7.70
C GLU A 292 17.47 -3.63 -8.86
N PRO A 293 18.72 -4.05 -8.58
CA PRO A 293 19.72 -4.10 -9.67
C PRO A 293 19.37 -4.99 -10.88
N SER A 294 18.56 -6.02 -10.68
CA SER A 294 18.19 -6.90 -11.78
C SER A 294 17.15 -6.30 -12.74
N ARG A 295 16.59 -5.13 -12.42
CA ARG A 295 15.70 -4.44 -13.35
C ARG A 295 16.27 -3.09 -13.71
N LYS A 296 16.26 -2.80 -15.01
CA LYS A 296 16.76 -1.53 -15.48
C LYS A 296 15.85 -0.35 -15.15
N TYR A 297 14.55 -0.61 -15.15
CA TYR A 297 13.56 0.36 -14.75
C TYR A 297 13.57 0.52 -13.23
N LYS A 298 13.27 1.72 -12.76
CA LYS A 298 13.55 2.08 -11.36
C LYS A 298 12.56 1.59 -10.32
N ALA A 299 11.30 1.36 -10.70
CA ALA A 299 10.35 0.81 -9.76
C ALA A 299 9.28 0.13 -10.54
N PHE A 300 8.75 -0.94 -9.96
CA PHE A 300 7.85 -1.85 -10.62
C PHE A 300 7.07 -2.67 -9.61
N ASN A 301 6.03 -3.33 -10.12
CA ASN A 301 5.23 -4.25 -9.31
C ASN A 301 5.39 -5.65 -9.78
N THR A 302 5.42 -6.57 -8.82
CA THR A 302 5.40 -7.99 -9.13
C THR A 302 4.72 -8.71 -7.97
N PHE A 303 4.85 -10.03 -7.90
CA PHE A 303 4.23 -10.78 -6.82
C PHE A 303 5.10 -11.91 -6.32
N ALA A 304 4.77 -12.34 -5.10
CA ALA A 304 5.30 -13.55 -4.50
C ALA A 304 4.13 -14.33 -3.98
N ALA A 305 4.37 -15.59 -3.63
CA ALA A 305 3.29 -16.40 -3.10
C ALA A 305 3.78 -17.29 -1.97
N SER A 306 2.87 -17.68 -1.08
CA SER A 306 3.23 -18.42 0.14
C SER A 306 2.06 -19.28 0.57
N TYR A 307 2.36 -20.44 1.16
CA TYR A 307 1.35 -21.21 1.88
C TYR A 307 1.28 -20.86 3.37
N ASP A 308 2.27 -20.15 3.89
CA ASP A 308 2.39 -20.01 5.36
C ASP A 308 2.52 -18.58 5.89
N LEU A 309 2.50 -17.60 4.98
CA LEU A 309 2.65 -16.13 5.25
C LEU A 309 4.05 -15.66 5.59
N VAL A 310 5.00 -16.59 5.71
CA VAL A 310 6.36 -16.33 6.21
CA VAL A 310 6.33 -16.20 6.16
C VAL A 310 7.42 -16.59 5.16
N ASN A 311 7.24 -17.70 4.42
CA ASN A 311 8.18 -18.11 3.39
C ASN A 311 7.56 -17.82 2.04
N TRP A 312 8.12 -16.82 1.37
CA TRP A 312 7.59 -16.34 0.10
C TRP A 312 8.43 -16.79 -1.08
N THR A 313 7.75 -17.23 -2.13
CA THR A 313 8.36 -17.62 -3.38
C THR A 313 8.15 -16.48 -4.35
N ASP A 314 9.24 -15.94 -4.84
CA ASP A 314 9.16 -14.76 -5.71
C ASP A 314 8.87 -15.17 -7.15
N TRP A 315 8.03 -14.40 -7.84
CA TRP A 315 7.74 -14.65 -9.27
C TRP A 315 9.01 -14.46 -10.13
N HIS A 316 9.21 -15.39 -11.06
CA HIS A 316 10.43 -15.47 -11.86
C HIS A 316 10.31 -14.90 -13.28
N GLY A 317 9.09 -14.59 -13.67
CA GLY A 317 8.79 -14.13 -15.02
C GLY A 317 8.64 -12.63 -15.05
N ALA A 318 7.93 -12.16 -16.06
CA ALA A 318 7.81 -10.73 -16.29
C ALA A 318 7.11 -10.04 -15.12
N ASP A 319 7.59 -8.84 -14.77
CA ASP A 319 6.95 -8.04 -13.75
C ASP A 319 5.52 -7.66 -14.18
N LEU A 320 4.67 -7.46 -13.20
CA LEU A 320 3.22 -7.20 -13.48
C LEU A 320 2.99 -5.79 -14.02
N ILE A 321 3.69 -4.80 -13.47
CA ILE A 321 3.56 -3.41 -13.91
C ILE A 321 4.96 -2.83 -13.95
N ILE A 322 5.32 -2.25 -15.08
CA ILE A 322 6.60 -1.61 -15.25
C ILE A 322 6.37 -0.30 -15.99
N PRO A 323 7.32 0.64 -15.88
CA PRO A 323 7.21 1.87 -16.66
C PRO A 323 7.06 1.56 -18.15
N SER A 324 6.06 2.14 -18.80
CA SER A 324 5.90 1.95 -20.24
C SER A 324 5.16 3.03 -20.99
N LYS A 325 4.49 3.94 -20.27
CA LYS A 325 3.77 5.06 -20.88
C LYS A 325 4.41 6.34 -20.42
N ASN A 326 4.08 7.44 -21.08
CA ASN A 326 4.65 8.72 -20.67
C ASN A 326 4.35 9.04 -19.19
N TYR A 327 3.15 8.68 -18.74
CA TYR A 327 2.71 9.07 -17.40
C TYR A 327 3.30 8.21 -16.30
N ASP A 328 3.89 7.05 -16.63
CA ASP A 328 4.52 6.18 -15.62
C ASP A 328 5.96 5.83 -15.96
N GLU A 329 6.59 6.66 -16.78
CA GLU A 329 7.90 6.38 -17.35
C GLU A 329 9.04 6.32 -16.34
N LEU A 330 8.86 6.88 -15.14
CA LEU A 330 9.90 6.82 -14.12
C LEU A 330 9.62 5.66 -13.16
N PHE A 331 8.44 5.69 -12.52
CA PHE A 331 8.04 4.63 -11.59
C PHE A 331 6.62 4.17 -11.94
N ALA A 332 6.39 2.87 -11.93
CA ALA A 332 5.06 2.32 -12.13
C ALA A 332 4.93 1.28 -11.05
N HIS A 333 4.35 1.68 -9.91
CA HIS A 333 4.67 0.99 -8.67
C HIS A 333 3.65 1.24 -7.60
N LYS A 334 3.64 0.31 -6.64
CA LYS A 334 2.68 0.23 -5.55
C LYS A 334 1.40 -0.38 -6.10
N SER A 335 0.82 -1.30 -5.36
CA SER A 335 -0.25 -2.15 -5.89
C SER A 335 -1.52 -2.17 -5.08
N TYR A 336 -2.63 -2.24 -5.79
CA TYR A 336 -3.84 -2.76 -5.23
C TYR A 336 -4.59 -3.43 -6.35
N VAL A 337 -5.03 -4.66 -6.16
CA VAL A 337 -5.51 -5.48 -7.27
C VAL A 337 -6.92 -5.98 -6.97
N ILE A 338 -7.83 -5.74 -7.90
CA ILE A 338 -9.24 -6.15 -7.76
C ILE A 338 -9.55 -7.10 -8.91
N LYS A 339 -9.99 -8.33 -8.62
CA LYS A 339 -10.65 -9.15 -9.64
C LYS A 339 -12.14 -9.04 -9.47
N HIS A 340 -12.81 -8.59 -10.52
CA HIS A 340 -14.25 -8.47 -10.51
C HIS A 340 -14.85 -8.75 -11.87
N ASP A 341 -15.88 -9.60 -11.87
CA ASP A 341 -16.63 -9.94 -13.07
C ASP A 341 -15.69 -10.31 -14.23
N GLY A 342 -14.71 -11.16 -13.91
CA GLY A 342 -13.84 -11.73 -14.95
C GLY A 342 -12.70 -10.85 -15.42
N VAL A 343 -12.53 -9.68 -14.81
CA VAL A 343 -11.50 -8.72 -15.19
C VAL A 343 -10.66 -8.39 -13.96
N VAL A 344 -9.36 -8.33 -14.17
CA VAL A 344 -8.43 -7.90 -13.13
C VAL A 344 -8.10 -6.44 -13.37
N TYR A 345 -8.13 -5.68 -12.28
CA TYR A 345 -7.82 -4.25 -12.25
C TYR A 345 -6.66 -4.09 -11.28
N HIS A 346 -5.53 -3.59 -11.76
CA HIS A 346 -4.32 -3.35 -10.97
C HIS A 346 -4.10 -1.86 -10.89
N PHE A 347 -4.34 -1.34 -9.70
CA PHE A 347 -4.19 0.08 -9.40
C PHE A 347 -2.75 0.28 -8.96
N TYR A 348 -2.13 1.35 -9.43
CA TYR A 348 -0.75 1.62 -9.09
C TYR A 348 -0.43 3.08 -9.15
N CYS A 349 0.73 3.43 -8.61
CA CYS A 349 1.20 4.79 -8.64
C CYS A 349 2.14 5.01 -9.80
N ALA A 350 1.70 5.93 -10.66
CA ALA A 350 2.41 6.36 -11.85
C ALA A 350 3.17 7.63 -11.55
N VAL A 351 4.48 7.59 -11.82
CA VAL A 351 5.34 8.75 -11.71
C VAL A 351 6.11 8.88 -13.02
N ASN A 352 6.15 10.10 -13.57
CA ASN A 352 6.89 10.36 -14.80
C ASN A 352 8.23 11.06 -14.49
N ASN A 353 8.99 11.43 -15.52
CA ASN A 353 10.31 12.02 -15.25
C ASN A 353 10.25 13.42 -14.64
N ALA A 354 9.11 14.09 -14.81
CA ALA A 354 8.83 15.36 -14.14
C ALA A 354 8.42 15.20 -12.69
N GLU A 355 8.29 13.94 -12.24
CA GLU A 355 7.92 13.59 -10.87
C GLU A 355 6.49 13.94 -10.56
N GLN A 356 5.67 14.06 -11.61
CA GLN A 356 4.23 14.13 -11.42
C GLN A 356 3.79 12.73 -11.00
N ARG A 357 2.84 12.66 -10.06
CA ARG A 357 2.55 11.44 -9.35
C ARG A 357 1.04 11.31 -9.17
N GLY A 358 0.47 10.22 -9.69
CA GLY A 358 -0.94 9.93 -9.56
C GLY A 358 -1.19 8.45 -9.59
N ILE A 359 -2.47 8.08 -9.63
CA ILE A 359 -2.86 6.67 -9.57
C ILE A 359 -3.44 6.28 -10.92
N ALA A 360 -2.94 5.19 -11.45
CA ALA A 360 -3.36 4.64 -12.75
C ALA A 360 -3.86 3.22 -12.58
N ILE A 361 -4.42 2.68 -13.68
CA ILE A 361 -5.03 1.37 -13.69
C ILE A 361 -4.55 0.58 -14.89
N ALA A 362 -4.23 -0.69 -14.67
CA ALA A 362 -4.01 -1.66 -15.74
C ALA A 362 -5.03 -2.75 -15.60
N THR A 363 -5.42 -3.34 -16.72
CA THR A 363 -6.45 -4.37 -16.73
C THR A 363 -6.03 -5.58 -17.57
N SER A 364 -6.71 -6.68 -17.31
CA SER A 364 -6.40 -7.95 -17.96
C SER A 364 -6.86 -8.01 -19.42
N LYS A 365 -7.87 -7.20 -19.77
CA LYS A 365 -8.24 -6.98 -21.19
C LYS A 365 -8.47 -5.50 -21.39
N PRO A 366 -8.42 -5.00 -22.65
CA PRO A 366 -8.68 -3.60 -22.86
C PRO A 366 -10.06 -3.21 -22.33
N MSE A 367 -10.12 -2.13 -21.56
CA MSE A 367 -11.35 -1.59 -21.00
C MSE A 367 -11.59 -0.17 -21.42
O MSE A 367 -12.44 0.50 -20.86
CB MSE A 367 -11.28 -1.73 -19.49
CG MSE A 367 -11.17 -3.15 -18.94
SE MSE A 367 -12.76 -4.19 -19.43
CE MSE A 367 -13.95 -3.39 -18.10
N GLY A 368 -10.86 0.30 -22.44
CA GLY A 368 -10.97 1.68 -22.91
C GLY A 368 -9.71 2.44 -22.56
N ARG A 369 -9.78 3.75 -22.67
CA ARG A 369 -8.68 4.64 -22.36
C ARG A 369 -9.19 5.82 -21.57
N SER A 370 -8.46 6.11 -20.51
CA SER A 370 -8.76 7.26 -19.68
C SER A 370 -8.39 8.52 -20.44
N ALA A 371 -9.24 9.52 -20.29
CA ALA A 371 -8.95 10.86 -20.76
C ALA A 371 -8.20 11.68 -19.72
N VAL A 372 -8.06 11.15 -18.50
CA VAL A 372 -7.40 11.90 -17.44
C VAL A 372 -5.93 12.07 -17.78
N ARG A 373 -5.40 13.27 -17.53
CA ARG A 373 -4.01 13.59 -17.80
C ARG A 373 -3.42 14.36 -16.64
N PHE A 374 -2.11 14.23 -16.44
CA PHE A 374 -1.39 15.18 -15.62
C PHE A 374 -1.43 16.58 -16.24
N PRO A 375 -1.24 17.61 -15.40
CA PRO A 375 -1.12 18.93 -15.96
C PRO A 375 0.23 19.06 -16.67
N LYS A 376 0.44 20.19 -17.34
CA LYS A 376 1.75 20.40 -17.97
C LYS A 376 2.82 20.42 -16.89
N PRO A 377 3.95 19.73 -17.13
CA PRO A 377 5.04 19.74 -16.16
C PRO A 377 5.78 21.05 -16.14
N GLU A 378 6.46 21.32 -15.03
CA GLU A 378 7.42 22.42 -14.97
C GLU A 378 8.75 22.09 -15.65
N THR A 379 9.47 23.15 -16.02
CA THR A 379 10.84 23.05 -16.57
C THR A 379 11.83 22.51 -15.56
C1 GOL B . 3.91 4.36 1.03
O1 GOL B . 3.63 3.82 -0.26
C2 GOL B . 5.44 4.44 1.21
O2 GOL B . 5.95 5.36 0.24
C3 GOL B . 6.16 3.11 0.99
O3 GOL B . 5.60 2.15 1.85
C1 GOL C . -9.44 13.95 17.14
O1 GOL C . -8.11 13.98 17.64
C2 GOL C . -9.50 12.93 16.01
O2 GOL C . -8.27 12.22 15.86
C3 GOL C . -10.55 11.89 16.27
O3 GOL C . -10.00 10.81 17.07
#